data_9CXF
#
_entry.id   9CXF
#
_cell.length_a   1.00
_cell.length_b   1.00
_cell.length_c   1.00
_cell.angle_alpha   90.00
_cell.angle_beta   90.00
_cell.angle_gamma   90.00
#
_symmetry.space_group_name_H-M   'P 1'
#
loop_
_entity.id
_entity.type
_entity.pdbx_description
1 polymer 'RNA (200-MER)'
2 non-polymer 'MAGNESIUM ION'
#
_entity_poly.entity_id   1
_entity_poly.type   'polyribonucleotide'
_entity_poly.pdbx_seq_one_letter_code
;GUGUGCCCGGCAUGGGUGCAGUCUAUAGGGUGAGAGUCCCGAACUGUGAAGGCAGAAGUAACAGUUAGCCUAACGCAAGG
GUGUCCGUGGCGACAUGGAAUCUGAAGGAAGCGGACGGCAAACCUUCGGUCUGAGGAACACGAACUUCAUAUGAGGCUAG
GUAUCAAUGGAUGAGUUUGCAUAACAAAACAAAGUCCUUUCUGCCAAAGUUGGUACAGAGUAAAUGAAGCAGAUUGAUGA
AGGGAAAGACUGCAUUCUUACCCGGGGAGGUCUGAGCUUUCGAGCUCAGAAGUCAGCAGAAGUCAUAGUACCCUUAAGUU
AGGUUUGUGGUUGAAAGUCGAUGCCAGUCGCAGGCAAAACGAUCCACGUAAGUUAAACAAAGUUUUAAUGAGCAUGGUGC
GGCUUAGAAGUAAGUCCUGCCGCUUUAGGCGAGAGUAUUAGUAGUGAGAGGGUAAUUCCGGGUAGCGAAACUUCCAGCAG
GCGAGUGUGGGGUCAAAGACCAGGUCAACUAACUUAAGGGGAAGGACGGAACAAGUAUGGCGUUCGCGCCAUGCUUGAAC
CACCGUAUACCGAACGGUACGUACGGUGGUGU
;
_entity_poly.pdbx_strand_id   A
#
loop_
_chem_comp.id
_chem_comp.type
_chem_comp.name
_chem_comp.formula
A RNA linking ADENOSINE-5'-MONOPHOSPHATE 'C10 H14 N5 O7 P'
C RNA linking CYTIDINE-5'-MONOPHOSPHATE 'C9 H14 N3 O8 P'
G RNA linking GUANOSINE-5'-MONOPHOSPHATE 'C10 H14 N5 O8 P'
MG non-polymer 'MAGNESIUM ION' 'Mg 2'
U RNA linking URIDINE-5'-MONOPHOSPHATE 'C9 H13 N2 O9 P'
#
# COMPACT_ATOMS: atom_id res chain seq x y z
MG MG B . -9.42 -12.63 -21.29
MG MG C . -2.83 -3.20 -17.85
MG MG D . -8.43 1.77 11.38
MG MG E . -7.63 3.48 6.26
MG MG F . -11.63 7.40 4.26
MG MG G . -9.08 0.51 1.54
MG MG H . -2.51 -0.83 -0.16
MG MG I . 6.65 -0.74 3.75
MG MG J . 3.39 11.20 7.84
MG MG K . 2.86 10.91 14.80
MG MG L . 13.46 -5.86 9.41
MG MG M . 22.89 8.86 16.19
MG MG N . -20.99 2.55 13.57
MG MG O . 0.44 0.50 -8.59
MG MG P . -7.27 -20.49 5.44
MG MG Q . -3.87 13.05 4.81
MG MG R . 20.41 -5.55 14.24
MG MG S . 0.60 -23.72 11.91
MG MG T . 7.95 -4.47 -10.67
MG MG U . 11.22 -1.71 -42.61
MG MG V . 12.80 -0.15 -31.61
MG MG W . -19.02 19.11 7.39
#